data_3HD3
#
_entry.id   3HD3
#
_cell.length_a   44.687
_cell.length_b   72.493
_cell.length_c   60.930
_cell.angle_alpha   90.00
_cell.angle_beta   89.79
_cell.angle_gamma   90.00
#
_symmetry.space_group_name_H-M   'P 1 21 1'
#
loop_
_entity.id
_entity.type
_entity.pdbx_description
1 polymer Cruzipain
2 non-polymer (1R,2R)-2-[(4-chlorophenyl)carbonyl]-N-{(1S)-1-[2-(phenylsulfonyl)ethyl]pentyl}cyclohexanecarboxamide
3 non-polymer 1,2-ETHANEDIOL
4 non-polymer ETHANOL
5 non-polymer DI(HYDROXYETHYL)ETHER
6 non-polymer 'SULFATE ION'
7 water water
#
_entity_poly.entity_id   1
_entity_poly.type   'polypeptide(L)'
_entity_poly.pdbx_seq_one_letter_code
;APAAVDWRARGAVTAVKDQGQCGSCWAFSAIGNVECQWFLAGHPLTNLAEQMLVSCDKTDSGCSGGLMNNAFEWIVQENN
GAVYTEDSYPYASGEGISPPCTTSGHTVGATITGHVELPQDEAQIAAWLAVNGPVAVAVDASSWMTYTGGVMTSCVSEQL
DHGVLLVGYNDGAAVPYWIIKNSWTTQWGEEGYIRIAKGSNQCLVKEEASSAVVG
;
_entity_poly.pdbx_strand_id   A,B
#
loop_
_chem_comp.id
_chem_comp.type
_chem_comp.name
_chem_comp.formula
25B non-polymer (1R,2R)-2-[(4-chlorophenyl)carbonyl]-N-{(1S)-1-[2-(phenylsulfonyl)ethyl]pentyl}cyclohexanecarboxamide 'C27 H34 Cl N O4 S'
EDO non-polymer 1,2-ETHANEDIOL 'C2 H6 O2'
EOH non-polymer ETHANOL 'C2 H6 O'
PEG non-polymer DI(HYDROXYETHYL)ETHER 'C4 H10 O3'
SO4 non-polymer 'SULFATE ION' 'O4 S -2'
#
# COMPACT_ATOMS: atom_id res chain seq x y z
N ALA A 1 5.62 -10.15 -14.64
CA ALA A 1 4.88 -9.38 -13.60
C ALA A 1 5.83 -9.25 -12.41
N PRO A 2 5.61 -8.23 -11.57
CA PRO A 2 6.42 -8.11 -10.35
C PRO A 2 6.29 -9.33 -9.50
N ALA A 3 7.32 -9.63 -8.70
CA ALA A 3 7.27 -10.72 -7.76
C ALA A 3 6.16 -10.55 -6.72
N ALA A 4 5.85 -9.30 -6.34
CA ALA A 4 4.89 -8.97 -5.33
C ALA A 4 4.29 -7.56 -5.59
N VAL A 5 3.01 -7.41 -5.27
CA VAL A 5 2.26 -6.16 -5.39
C VAL A 5 1.32 -6.08 -4.22
N ASP A 6 1.13 -4.88 -3.71
CA ASP A 6 0.15 -4.68 -2.64
C ASP A 6 -0.41 -3.28 -2.81
N TRP A 7 -1.59 -3.23 -3.42
CA TRP A 7 -2.21 -1.92 -3.72
C TRP A 7 -2.55 -1.10 -2.46
N ARG A 8 -2.65 -1.77 -1.31
CA ARG A 8 -2.92 -1.01 -0.07
C ARG A 8 -1.77 -0.02 0.20
N ALA A 9 -0.55 -0.43 -0.11
CA ALA A 9 0.66 0.37 0.12
C ALA A 9 0.85 1.54 -0.81
N ARG A 10 0.03 1.61 -1.85
CA ARG A 10 -0.03 2.75 -2.74
C ARG A 10 -1.11 3.70 -2.32
N GLY A 11 -1.89 3.34 -1.31
CA GLY A 11 -2.99 4.18 -0.84
C GLY A 11 -4.25 4.02 -1.66
N ALA A 12 -4.39 2.88 -2.34
CA ALA A 12 -5.48 2.70 -3.30
C ALA A 12 -6.72 1.99 -2.77
N VAL A 13 -6.72 1.55 -1.49
CA VAL A 13 -7.81 0.72 -0.97
C VAL A 13 -8.47 1.39 0.25
N THR A 14 -9.78 1.48 0.24
CA THR A 14 -10.49 2.09 1.37
C THR A 14 -10.46 1.14 2.56
N ALA A 15 -10.87 1.64 3.72
CA ALA A 15 -10.94 0.86 4.93
C ALA A 15 -11.87 -0.34 4.79
N VAL A 16 -11.61 -1.38 5.56
CA VAL A 16 -12.44 -2.59 5.59
C VAL A 16 -13.82 -2.23 6.11
N LYS A 17 -14.85 -2.73 5.45
CA LYS A 17 -16.26 -2.46 5.82
C LYS A 17 -16.90 -3.68 6.49
N ASP A 18 -18.19 -3.54 6.80
CA ASP A 18 -18.94 -4.55 7.55
C ASP A 18 -20.29 -4.74 6.88
N GLN A 19 -20.45 -5.86 6.20
CA GLN A 19 -21.74 -6.18 5.57
C GLN A 19 -22.82 -6.54 6.58
N GLY A 20 -22.44 -6.78 7.82
CA GLY A 20 -23.38 -7.24 8.84
C GLY A 20 -24.00 -8.59 8.48
N GLN A 21 -25.29 -8.73 8.78
CA GLN A 21 -26.01 -9.99 8.67
C GLN A 21 -26.69 -10.12 7.27
N CYS A 22 -26.33 -9.27 6.34
CA CYS A 22 -26.90 -9.28 4.97
C CYS A 22 -25.94 -10.02 4.02
N GLY A 23 -26.45 -10.84 3.11
CA GLY A 23 -25.66 -11.47 2.05
C GLY A 23 -25.30 -10.58 0.89
N SER A 24 -24.81 -9.39 1.20
CA SER A 24 -24.52 -8.34 0.24
C SER A 24 -23.04 -8.30 -0.12
N CYS A 25 -22.30 -9.39 0.12
CA CYS A 25 -20.88 -9.48 -0.24
C CYS A 25 -20.53 -9.05 -1.63
N TRP A 26 -21.37 -9.47 -2.57
CA TRP A 26 -21.24 -9.12 -3.97
C TRP A 26 -21.14 -7.60 -4.21
N ALA A 27 -21.90 -6.84 -3.42
CA ALA A 27 -21.93 -5.37 -3.56
C ALA A 27 -20.65 -4.78 -2.99
N PHE A 28 -20.16 -5.34 -1.88
CA PHE A 28 -18.88 -4.89 -1.30
C PHE A 28 -17.73 -5.21 -2.22
N SER A 29 -17.75 -6.39 -2.84
CA SER A 29 -16.75 -6.76 -3.86
C SER A 29 -16.73 -5.80 -5.02
N ALA A 30 -17.91 -5.54 -5.58
CA ALA A 30 -18.00 -4.62 -6.73
C ALA A 30 -17.60 -3.18 -6.40
N ILE A 31 -18.14 -2.68 -5.29
CA ILE A 31 -17.88 -1.31 -4.87
C ILE A 31 -16.43 -1.10 -4.47
N GLY A 32 -15.86 -2.08 -3.78
CA GLY A 32 -14.44 -2.00 -3.43
C GLY A 32 -13.58 -1.91 -4.66
N ASN A 33 -13.93 -2.73 -5.68
CA ASN A 33 -13.27 -2.65 -6.95
C ASN A 33 -13.43 -1.27 -7.57
N VAL A 34 -14.64 -0.72 -7.62
CA VAL A 34 -14.81 0.61 -8.20
C VAL A 34 -14.01 1.65 -7.43
N GLU A 35 -14.04 1.58 -6.11
CA GLU A 35 -13.31 2.54 -5.26
C GLU A 35 -11.83 2.62 -5.68
N CYS A 36 -11.25 1.44 -5.85
CA CYS A 36 -9.86 1.34 -6.23
C CYS A 36 -9.63 1.82 -7.65
N GLN A 37 -10.49 1.39 -8.58
CA GLN A 37 -10.31 1.82 -9.95
C GLN A 37 -10.44 3.35 -10.10
N TRP A 38 -11.39 3.95 -9.40
CA TRP A 38 -11.59 5.39 -9.43
C TRP A 38 -10.36 6.11 -8.94
N PHE A 39 -9.83 5.67 -7.81
CA PHE A 39 -8.59 6.23 -7.32
C PHE A 39 -7.47 6.11 -8.34
N LEU A 40 -7.33 4.94 -8.96
CA LEU A 40 -6.23 4.70 -9.89
C LEU A 40 -6.40 5.48 -11.18
N ALA A 41 -7.61 5.97 -11.45
CA ALA A 41 -7.86 6.87 -12.57
C ALA A 41 -7.42 8.32 -12.28
N GLY A 42 -6.84 8.59 -11.11
CA GLY A 42 -6.31 9.89 -10.76
C GLY A 42 -7.29 10.73 -9.93
N HIS A 43 -8.07 10.08 -9.08
CA HIS A 43 -9.04 10.78 -8.24
C HIS A 43 -8.78 10.48 -6.78
N PRO A 44 -9.15 11.39 -5.87
CA PRO A 44 -9.05 11.12 -4.45
C PRO A 44 -9.80 9.83 -4.03
N LEU A 45 -9.15 9.06 -3.18
CA LEU A 45 -9.76 7.87 -2.59
C LEU A 45 -11.08 8.24 -1.90
N THR A 46 -12.16 7.59 -2.31
CA THR A 46 -13.52 7.91 -1.91
C THR A 46 -14.27 6.63 -1.53
N ASN A 47 -14.94 6.65 -0.36
CA ASN A 47 -15.82 5.57 0.03
C ASN A 47 -17.11 5.69 -0.76
N LEU A 48 -17.49 4.61 -1.44
CA LEU A 48 -18.65 4.58 -2.30
C LEU A 48 -19.74 3.67 -1.71
N ALA A 49 -20.96 3.73 -2.26
CA ALA A 49 -22.18 3.25 -1.55
C ALA A 49 -22.65 1.82 -1.96
N GLU A 50 -22.26 0.80 -1.19
CA GLU A 50 -22.84 -0.52 -1.38
C GLU A 50 -24.38 -0.49 -1.35
N GLN A 51 -24.95 0.35 -0.52
CA GLN A 51 -26.40 0.36 -0.35
C GLN A 51 -27.11 0.72 -1.67
N MET A 52 -26.44 1.48 -2.53
CA MET A 52 -27.02 1.84 -3.83
C MET A 52 -27.25 0.56 -4.61
N LEU A 53 -26.26 -0.32 -4.67
CA LEU A 53 -26.47 -1.61 -5.33
C LEU A 53 -27.47 -2.51 -4.60
N VAL A 54 -27.27 -2.69 -3.27
CA VAL A 54 -28.09 -3.61 -2.52
C VAL A 54 -29.59 -3.30 -2.68
N SER A 55 -29.96 -2.02 -2.60
CA SER A 55 -31.34 -1.57 -2.70
C SER A 55 -31.83 -1.35 -4.14
N CYS A 56 -30.97 -0.85 -5.02
CA CYS A 56 -31.47 -0.32 -6.32
C CYS A 56 -31.17 -1.20 -7.54
N ASP A 57 -30.21 -2.12 -7.43
CA ASP A 57 -29.86 -3.04 -8.51
C ASP A 57 -30.79 -4.22 -8.43
N LYS A 58 -31.85 -4.18 -9.23
CA LYS A 58 -32.87 -5.22 -9.21
C LYS A 58 -32.53 -6.45 -10.07
N THR A 59 -31.38 -6.41 -10.75
CA THR A 59 -30.89 -7.63 -11.39
CA THR A 59 -30.85 -7.61 -11.40
C THR A 59 -30.37 -8.59 -10.34
N ASP A 60 -29.82 -8.04 -9.27
CA ASP A 60 -29.33 -8.82 -8.14
C ASP A 60 -30.36 -8.91 -7.03
N SER A 61 -30.06 -9.67 -6.00
CA SER A 61 -31.05 -10.09 -4.98
C SER A 61 -30.72 -9.59 -3.55
N GLY A 62 -30.13 -8.40 -3.45
CA GLY A 62 -29.87 -7.71 -2.17
C GLY A 62 -29.14 -8.57 -1.16
N CYS A 63 -29.78 -8.76 -0.01
CA CYS A 63 -29.24 -9.58 1.07
C CYS A 63 -29.28 -11.08 0.72
N SER A 64 -29.91 -11.46 -0.39
CA SER A 64 -29.92 -12.91 -0.81
C SER A 64 -28.95 -13.25 -1.93
N GLY A 65 -28.07 -12.30 -2.26
CA GLY A 65 -26.93 -12.56 -3.14
C GLY A 65 -26.99 -11.82 -4.47
N GLY A 66 -25.89 -11.86 -5.20
CA GLY A 66 -25.77 -11.16 -6.47
C GLY A 66 -24.46 -11.45 -7.14
N LEU A 67 -24.28 -10.90 -8.31
CA LEU A 67 -23.03 -11.06 -9.08
C LEU A 67 -22.39 -9.70 -9.31
N MET A 68 -21.08 -9.64 -9.16
CA MET A 68 -20.38 -8.37 -9.35
C MET A 68 -20.53 -7.91 -10.77
N ASN A 69 -20.43 -8.82 -11.75
CA ASN A 69 -20.65 -8.43 -13.11
C ASN A 69 -22.02 -7.77 -13.35
N ASN A 70 -23.08 -8.31 -12.75
CA ASN A 70 -24.40 -7.68 -12.91
C ASN A 70 -24.38 -6.31 -12.32
N ALA A 71 -23.66 -6.14 -11.19
CA ALA A 71 -23.57 -4.81 -10.54
C ALA A 71 -22.91 -3.79 -11.45
N PHE A 72 -21.80 -4.18 -12.06
CA PHE A 72 -21.12 -3.28 -12.98
C PHE A 72 -22.02 -2.95 -14.13
N GLU A 73 -22.74 -3.93 -14.67
CA GLU A 73 -23.63 -3.65 -15.80
C GLU A 73 -24.79 -2.73 -15.38
N TRP A 74 -25.33 -2.93 -14.17
CA TRP A 74 -26.43 -2.10 -13.67
C TRP A 74 -25.95 -0.66 -13.58
N ILE A 75 -24.77 -0.44 -13.03
CA ILE A 75 -24.28 0.94 -12.85
C ILE A 75 -24.24 1.65 -14.18
N VAL A 76 -23.67 0.98 -15.17
CA VAL A 76 -23.56 1.55 -16.50
C VAL A 76 -24.92 1.68 -17.20
N GLN A 77 -25.68 0.59 -17.21
CA GLN A 77 -26.91 0.56 -18.03
C GLN A 77 -28.12 1.23 -17.41
N GLU A 78 -28.20 1.24 -16.07
CA GLU A 78 -29.34 1.78 -15.37
C GLU A 78 -29.08 3.02 -14.53
N ASN A 79 -27.82 3.38 -14.32
CA ASN A 79 -27.53 4.57 -13.54
C ASN A 79 -26.51 5.50 -14.18
N ASN A 80 -26.41 5.46 -15.53
CA ASN A 80 -25.62 6.44 -16.28
C ASN A 80 -24.15 6.42 -15.87
N GLY A 81 -23.68 5.25 -15.39
CA GLY A 81 -22.30 5.10 -14.93
C GLY A 81 -22.03 5.53 -13.52
N ALA A 82 -23.02 6.09 -12.83
CA ALA A 82 -22.77 6.77 -11.55
C ALA A 82 -22.76 5.85 -10.35
N VAL A 83 -21.87 6.14 -9.40
CA VAL A 83 -21.80 5.43 -8.10
C VAL A 83 -21.80 6.49 -7.02
N TYR A 84 -22.76 6.40 -6.09
CA TYR A 84 -22.86 7.41 -5.05
C TYR A 84 -21.80 7.23 -3.98
N THR A 85 -21.49 8.31 -3.30
CA THR A 85 -20.63 8.28 -2.11
C THR A 85 -21.37 7.51 -0.99
N GLU A 86 -20.61 6.81 -0.17
CA GLU A 86 -21.13 6.14 0.99
C GLU A 86 -21.72 7.15 1.96
N ASP A 87 -21.00 8.28 2.14
CA ASP A 87 -21.49 9.36 2.97
C ASP A 87 -22.92 9.74 2.65
N SER A 88 -23.25 9.85 1.36
CA SER A 88 -24.61 10.25 0.91
C SER A 88 -25.65 9.14 0.81
N TYR A 89 -25.22 7.89 0.91
CA TYR A 89 -26.09 6.75 0.80
C TYR A 89 -25.54 5.68 1.74
N PRO A 90 -25.69 5.92 3.03
CA PRO A 90 -25.10 5.01 3.99
C PRO A 90 -25.67 3.62 3.99
N TYR A 91 -24.83 2.67 4.36
CA TYR A 91 -25.25 1.31 4.45
C TYR A 91 -26.35 1.17 5.46
N ALA A 92 -27.40 0.41 5.10
CA ALA A 92 -28.57 0.31 5.96
C ALA A 92 -29.18 -1.11 6.01
N SER A 93 -28.33 -2.09 5.68
CA SER A 93 -28.72 -3.50 5.58
C SER A 93 -28.05 -4.40 6.58
N GLY A 94 -27.36 -3.83 7.57
CA GLY A 94 -26.53 -4.64 8.52
C GLY A 94 -27.34 -5.63 9.35
N GLU A 95 -28.62 -5.34 9.54
CA GLU A 95 -29.47 -6.29 10.26
C GLU A 95 -30.03 -7.41 9.38
N GLY A 96 -29.78 -7.34 8.06
CA GLY A 96 -30.25 -8.41 7.18
C GLY A 96 -31.46 -8.06 6.32
N ILE A 97 -32.02 -6.84 6.48
CA ILE A 97 -33.11 -6.42 5.60
C ILE A 97 -32.68 -5.15 4.86
N SER A 98 -32.69 -5.24 3.56
CA SER A 98 -32.24 -4.10 2.77
C SER A 98 -33.48 -3.23 2.53
N PRO A 99 -33.40 -1.94 2.86
CA PRO A 99 -34.55 -1.07 2.64
C PRO A 99 -34.84 -0.77 1.16
N PRO A 100 -36.03 -0.24 0.85
CA PRO A 100 -36.33 0.18 -0.54
C PRO A 100 -35.31 1.19 -1.06
N CYS A 101 -35.01 1.07 -2.34
CA CYS A 101 -34.18 2.05 -3.03
C CYS A 101 -34.68 3.48 -2.81
N THR A 102 -33.74 4.38 -2.60
CA THR A 102 -34.02 5.80 -2.63
C THR A 102 -33.18 6.46 -3.74
N THR A 103 -33.84 7.13 -4.68
CA THR A 103 -33.11 7.73 -5.79
C THR A 103 -32.69 9.16 -5.43
N SER A 104 -33.37 9.81 -4.49
CA SER A 104 -33.01 11.18 -4.09
C SER A 104 -32.02 11.32 -2.95
N GLY A 105 -31.38 12.49 -2.90
CA GLY A 105 -30.56 12.91 -1.76
C GLY A 105 -29.17 12.32 -1.74
N HIS A 106 -28.73 11.80 -2.88
CA HIS A 106 -27.39 11.23 -2.93
C HIS A 106 -26.49 12.08 -3.83
N THR A 107 -25.19 11.86 -3.67
CA THR A 107 -24.12 12.57 -4.34
C THR A 107 -23.23 11.59 -5.09
N VAL A 108 -22.98 11.88 -6.36
CA VAL A 108 -22.09 11.07 -7.17
C VAL A 108 -20.66 11.18 -6.63
N GLY A 109 -20.06 10.02 -6.37
CA GLY A 109 -18.68 9.89 -5.92
C GLY A 109 -17.70 9.36 -6.97
N ALA A 110 -18.22 8.69 -8.00
CA ALA A 110 -17.37 8.07 -9.06
C ALA A 110 -18.23 7.69 -10.27
N THR A 111 -17.58 7.40 -11.38
CA THR A 111 -18.25 6.86 -12.52
C THR A 111 -17.42 5.75 -13.11
N ILE A 112 -18.13 4.85 -13.79
CA ILE A 112 -17.51 3.79 -14.61
C ILE A 112 -18.15 3.76 -16.01
N THR A 113 -17.40 3.18 -16.98
CA THR A 113 -17.85 3.07 -18.36
C THR A 113 -18.18 1.63 -18.78
N GLY A 114 -17.72 0.65 -17.99
CA GLY A 114 -17.89 -0.76 -18.35
C GLY A 114 -17.17 -1.63 -17.38
N HIS A 115 -16.94 -2.89 -17.78
CA HIS A 115 -16.17 -3.80 -16.94
C HIS A 115 -15.53 -4.87 -17.83
N VAL A 116 -14.43 -5.45 -17.33
CA VAL A 116 -13.74 -6.51 -18.01
C VAL A 116 -13.82 -7.79 -17.22
N GLU A 117 -13.89 -8.91 -17.96
CA GLU A 117 -13.93 -10.21 -17.41
C GLU A 117 -12.52 -10.81 -17.70
N LEU A 118 -11.80 -11.23 -16.67
CA LEU A 118 -10.42 -11.71 -16.77
C LEU A 118 -10.33 -13.22 -16.94
N PRO A 119 -9.20 -13.71 -17.54
CA PRO A 119 -9.11 -15.14 -17.82
C PRO A 119 -9.19 -15.93 -16.53
N GLN A 120 -9.58 -17.18 -16.66
CA GLN A 120 -9.60 -18.11 -15.51
C GLN A 120 -8.20 -18.73 -15.30
N ASP A 121 -7.27 -17.89 -14.90
CA ASP A 121 -5.85 -18.19 -14.85
C ASP A 121 -5.21 -17.25 -13.84
N GLU A 122 -4.68 -17.81 -12.77
CA GLU A 122 -4.16 -17.00 -11.67
C GLU A 122 -2.99 -16.11 -12.11
N ALA A 123 -2.11 -16.64 -12.98
CA ALA A 123 -0.96 -15.83 -13.44
C ALA A 123 -1.43 -14.63 -14.26
N GLN A 124 -2.45 -14.82 -15.10
CA GLN A 124 -2.92 -13.75 -15.94
C GLN A 124 -3.72 -12.75 -15.13
N ILE A 125 -4.43 -13.20 -14.11
CA ILE A 125 -5.15 -12.28 -13.19
C ILE A 125 -4.12 -11.43 -12.42
N ALA A 126 -3.03 -12.05 -11.94
CA ALA A 126 -1.99 -11.35 -11.21
C ALA A 126 -1.31 -10.30 -12.08
N ALA A 127 -1.00 -10.66 -13.33
CA ALA A 127 -0.29 -9.77 -14.27
C ALA A 127 -1.19 -8.57 -14.52
N TRP A 128 -2.48 -8.81 -14.68
CA TRP A 128 -3.43 -7.71 -14.91
C TRP A 128 -3.52 -6.81 -13.68
N LEU A 129 -3.65 -7.41 -12.50
CA LEU A 129 -3.74 -6.65 -11.28
C LEU A 129 -2.48 -5.81 -11.01
N ALA A 130 -1.32 -6.32 -11.39
CA ALA A 130 -0.10 -5.56 -11.17
C ALA A 130 -0.12 -4.24 -11.88
N VAL A 131 -0.77 -4.22 -13.06
CA VAL A 131 -0.77 -2.99 -13.86
C VAL A 131 -1.99 -2.14 -13.57
N ASN A 132 -3.13 -2.81 -13.51
CA ASN A 132 -4.43 -2.16 -13.51
C ASN A 132 -5.19 -2.12 -12.22
N GLY A 133 -4.67 -2.74 -11.17
CA GLY A 133 -5.23 -2.61 -9.86
C GLY A 133 -6.13 -3.75 -9.37
N PRO A 134 -6.75 -3.53 -8.23
CA PRO A 134 -7.51 -4.61 -7.57
C PRO A 134 -8.66 -5.14 -8.42
N VAL A 135 -9.01 -6.41 -8.19
CA VAL A 135 -9.89 -7.20 -9.05
C VAL A 135 -10.93 -7.87 -8.16
N ALA A 136 -12.17 -7.77 -8.56
CA ALA A 136 -13.24 -8.46 -7.86
C ALA A 136 -13.20 -9.97 -8.20
N VAL A 137 -13.38 -10.84 -7.20
CA VAL A 137 -13.41 -12.26 -7.42
C VAL A 137 -14.51 -12.92 -6.62
N ALA A 138 -15.03 -14.03 -7.17
CA ALA A 138 -15.86 -14.96 -6.43
C ALA A 138 -15.01 -16.06 -5.87
N VAL A 139 -15.36 -16.47 -4.66
CA VAL A 139 -14.65 -17.58 -4.00
C VAL A 139 -15.62 -18.49 -3.24
N ASP A 140 -15.14 -19.68 -2.89
CA ASP A 140 -15.74 -20.52 -1.86
C ASP A 140 -15.13 -20.04 -0.52
N ALA A 141 -15.94 -19.33 0.27
CA ALA A 141 -15.56 -18.88 1.63
C ALA A 141 -16.24 -19.68 2.71
N SER A 142 -16.77 -20.84 2.37
CA SER A 142 -17.47 -21.70 3.35
C SER A 142 -16.54 -22.07 4.52
N SER A 143 -15.23 -22.18 4.25
CA SER A 143 -14.27 -22.53 5.30
C SER A 143 -13.58 -21.34 5.98
N TRP A 144 -14.09 -20.14 5.77
CA TRP A 144 -13.41 -18.91 6.21
C TRP A 144 -13.90 -18.37 7.53
N MET A 145 -14.94 -18.94 8.10
CA MET A 145 -15.61 -18.33 9.26
C MET A 145 -14.61 -18.08 10.43
N THR A 146 -13.76 -19.05 10.69
CA THR A 146 -12.85 -19.03 11.81
C THR A 146 -11.46 -18.42 11.57
N TYR A 147 -11.25 -17.87 10.37
CA TYR A 147 -9.91 -17.44 9.93
C TYR A 147 -9.49 -16.29 10.84
N THR A 148 -8.29 -16.40 11.39
CA THR A 148 -7.73 -15.34 12.26
C THR A 148 -6.36 -14.87 11.79
N GLY A 149 -5.91 -15.36 10.64
CA GLY A 149 -4.64 -14.97 10.11
C GLY A 149 -3.85 -16.14 9.55
N GLY A 150 -2.76 -15.80 8.86
CA GLY A 150 -1.93 -16.78 8.23
C GLY A 150 -2.27 -16.96 6.78
N VAL A 151 -1.42 -17.68 6.06
CA VAL A 151 -1.74 -18.04 4.68
C VAL A 151 -2.60 -19.29 4.62
N MET A 152 -3.83 -19.19 4.14
CA MET A 152 -4.74 -20.34 4.05
C MET A 152 -4.26 -21.30 2.97
N THR A 153 -3.94 -22.51 3.39
CA THR A 153 -3.38 -23.52 2.52
C THR A 153 -4.30 -24.71 2.21
N SER A 154 -5.49 -24.79 2.80
CA SER A 154 -6.39 -25.94 2.56
C SER A 154 -7.83 -25.50 2.42
N CYS A 155 -8.02 -24.44 1.64
CA CYS A 155 -9.32 -23.82 1.51
C CYS A 155 -10.28 -24.85 0.89
N VAL A 156 -11.50 -24.92 1.44
CA VAL A 156 -12.55 -25.77 0.85
C VAL A 156 -12.93 -25.10 -0.47
N SER A 157 -12.80 -25.83 -1.56
CA SER A 157 -12.85 -25.21 -2.90
C SER A 157 -13.90 -25.93 -3.78
N GLU A 158 -15.16 -25.81 -3.40
CA GLU A 158 -16.21 -26.60 -3.96
C GLU A 158 -17.30 -25.82 -4.65
N GLN A 159 -17.75 -24.70 -4.05
CA GLN A 159 -18.83 -23.92 -4.65
C GLN A 159 -18.59 -22.46 -4.35
N LEU A 160 -18.77 -21.60 -5.36
CA LEU A 160 -18.69 -20.17 -5.15
C LEU A 160 -19.83 -19.66 -4.29
N ASP A 161 -19.53 -18.95 -3.21
CA ASP A 161 -20.57 -18.44 -2.33
C ASP A 161 -20.25 -17.05 -1.79
N HIS A 162 -19.19 -16.40 -2.27
CA HIS A 162 -18.75 -15.15 -1.67
C HIS A 162 -17.99 -14.34 -2.71
N GLY A 163 -18.07 -13.01 -2.55
CA GLY A 163 -17.40 -12.04 -3.38
C GLY A 163 -16.48 -11.20 -2.52
N VAL A 164 -15.23 -11.08 -2.98
CA VAL A 164 -14.20 -10.39 -2.27
C VAL A 164 -13.33 -9.62 -3.27
N LEU A 165 -12.18 -9.10 -2.82
CA LEU A 165 -11.39 -8.18 -3.63
C LEU A 165 -9.92 -8.51 -3.54
N LEU A 166 -9.30 -8.92 -4.65
CA LEU A 166 -7.86 -9.12 -4.68
C LEU A 166 -7.20 -7.76 -4.67
N VAL A 167 -6.29 -7.52 -3.71
CA VAL A 167 -5.54 -6.24 -3.66
C VAL A 167 -4.03 -6.42 -3.88
N GLY A 168 -3.58 -7.64 -4.00
CA GLY A 168 -2.15 -7.89 -4.11
C GLY A 168 -1.81 -9.38 -4.11
N TYR A 169 -0.53 -9.66 -4.27
CA TYR A 169 -0.05 -11.02 -4.20
C TYR A 169 1.45 -10.99 -3.89
N ASN A 170 1.98 -12.15 -3.60
CA ASN A 170 3.41 -12.32 -3.34
C ASN A 170 3.82 -13.73 -3.85
N ASP A 171 4.56 -13.74 -4.95
CA ASP A 171 4.94 -14.96 -5.65
C ASP A 171 6.23 -15.57 -5.10
N GLY A 172 6.96 -14.78 -4.33
CA GLY A 172 8.27 -15.17 -3.85
C GLY A 172 8.22 -15.82 -2.49
N ALA A 173 7.13 -15.61 -1.73
CA ALA A 173 7.03 -16.21 -0.40
C ALA A 173 7.10 -17.74 -0.42
N ALA A 174 7.47 -18.33 0.73
CA ALA A 174 7.59 -19.80 0.83
C ALA A 174 6.29 -20.45 0.39
N VAL A 175 5.15 -19.88 0.82
CA VAL A 175 3.85 -20.26 0.27
C VAL A 175 3.37 -19.01 -0.47
N PRO A 176 3.46 -18.98 -1.80
CA PRO A 176 2.97 -17.77 -2.53
C PRO A 176 1.51 -17.53 -2.21
N TYR A 177 1.10 -16.25 -2.16
CA TYR A 177 -0.28 -15.95 -1.75
C TYR A 177 -0.88 -14.75 -2.48
N TRP A 178 -2.21 -14.75 -2.46
CA TRP A 178 -3.03 -13.60 -2.73
C TRP A 178 -3.35 -12.86 -1.45
N ILE A 179 -3.46 -11.54 -1.58
CA ILE A 179 -3.91 -10.64 -0.51
C ILE A 179 -5.30 -10.21 -0.89
N ILE A 180 -6.26 -10.47 0.01
CA ILE A 180 -7.67 -10.34 -0.26
C ILE A 180 -8.37 -9.52 0.84
N LYS A 181 -9.08 -8.51 0.42
CA LYS A 181 -9.92 -7.70 1.24
C LYS A 181 -11.28 -8.38 1.39
N ASN A 182 -11.73 -8.55 2.64
CA ASN A 182 -13.06 -9.02 2.94
C ASN A 182 -13.91 -7.85 3.52
N SER A 183 -15.17 -8.17 3.80
CA SER A 183 -16.15 -7.21 4.26
C SER A 183 -16.84 -7.65 5.55
N TRP A 184 -16.03 -8.22 6.46
CA TRP A 184 -16.53 -8.78 7.70
C TRP A 184 -15.87 -8.11 8.91
N THR A 185 -15.63 -6.79 8.82
CA THR A 185 -14.94 -5.97 9.81
C THR A 185 -13.44 -6.23 9.92
N THR A 186 -12.76 -5.34 10.62
CA THR A 186 -11.32 -5.53 10.83
C THR A 186 -11.02 -6.52 11.94
N GLN A 187 -12.06 -6.96 12.66
CA GLN A 187 -11.90 -7.94 13.72
C GLN A 187 -11.70 -9.38 13.19
N TRP A 188 -12.01 -9.60 11.90
CA TRP A 188 -11.86 -10.89 11.25
C TRP A 188 -10.53 -10.94 10.55
N GLY A 189 -9.90 -12.09 10.52
CA GLY A 189 -8.67 -12.26 9.75
C GLY A 189 -7.50 -11.36 10.17
N GLU A 190 -6.81 -10.79 9.18
CA GLU A 190 -5.62 -9.98 9.38
C GLU A 190 -6.07 -8.54 9.16
N GLU A 191 -6.59 -7.93 10.22
CA GLU A 191 -7.21 -6.60 10.15
C GLU A 191 -8.21 -6.53 8.99
N GLY A 192 -9.02 -7.59 8.82
CA GLY A 192 -10.07 -7.64 7.80
C GLY A 192 -9.71 -8.27 6.45
N TYR A 193 -8.44 -8.61 6.31
CA TYR A 193 -7.85 -9.22 5.11
C TYR A 193 -7.57 -10.70 5.33
N ILE A 194 -7.46 -11.42 4.24
CA ILE A 194 -7.04 -12.82 4.26
C ILE A 194 -5.97 -13.03 3.19
N ARG A 195 -4.99 -13.86 3.50
CA ARG A 195 -4.09 -14.37 2.50
C ARG A 195 -4.43 -15.84 2.22
N ILE A 196 -4.58 -16.17 0.95
CA ILE A 196 -4.77 -17.56 0.54
C ILE A 196 -3.63 -17.96 -0.37
N ALA A 197 -3.26 -19.23 -0.34
CA ALA A 197 -2.21 -19.73 -1.22
C ALA A 197 -2.57 -19.45 -2.68
N LYS A 198 -1.56 -19.10 -3.48
CA LYS A 198 -1.71 -18.71 -4.88
C LYS A 198 -1.05 -19.77 -5.75
N GLY A 199 -1.75 -20.17 -6.80
CA GLY A 199 -1.17 -21.07 -7.79
C GLY A 199 -1.85 -22.43 -7.83
N SER A 200 -2.75 -22.71 -6.88
CA SER A 200 -3.48 -24.01 -6.81
C SER A 200 -5.01 -23.85 -6.86
N ASN A 201 -5.42 -22.68 -7.35
CA ASN A 201 -6.84 -22.29 -7.40
C ASN A 201 -7.58 -22.51 -6.07
N GLN A 202 -6.91 -22.09 -5.01
CA GLN A 202 -7.54 -22.08 -3.67
C GLN A 202 -8.83 -21.27 -3.68
N CYS A 203 -9.90 -21.90 -3.17
CA CYS A 203 -11.20 -21.32 -2.97
C CYS A 203 -11.84 -20.97 -4.31
N LEU A 204 -11.33 -21.54 -5.40
CA LEU A 204 -11.87 -21.30 -6.74
C LEU A 204 -11.69 -19.84 -7.17
N VAL A 205 -10.65 -19.21 -6.63
CA VAL A 205 -10.37 -17.79 -6.87
C VAL A 205 -10.22 -17.35 -8.32
N LYS A 206 -9.85 -18.25 -9.24
CA LYS A 206 -9.70 -17.82 -10.66
C LYS A 206 -11.00 -17.81 -11.48
N GLU A 207 -12.09 -18.31 -10.90
CA GLU A 207 -13.25 -18.67 -11.72
C GLU A 207 -13.99 -17.45 -12.28
N GLU A 208 -14.11 -16.42 -11.45
CA GLU A 208 -14.92 -15.23 -11.78
C GLU A 208 -14.25 -13.92 -11.35
N ALA A 209 -13.13 -13.61 -12.02
CA ALA A 209 -12.36 -12.43 -11.81
C ALA A 209 -12.74 -11.33 -12.81
N SER A 210 -13.09 -10.17 -12.29
CA SER A 210 -13.50 -9.06 -13.15
C SER A 210 -13.20 -7.71 -12.53
N SER A 211 -13.30 -6.65 -13.31
CA SER A 211 -13.07 -5.30 -12.79
C SER A 211 -13.86 -4.26 -13.58
N ALA A 212 -14.36 -3.27 -12.87
CA ALA A 212 -14.89 -2.08 -13.49
C ALA A 212 -13.79 -1.34 -14.25
N VAL A 213 -14.20 -0.57 -15.26
CA VAL A 213 -13.34 0.31 -16.02
C VAL A 213 -13.78 1.73 -15.75
N VAL A 214 -12.87 2.57 -15.28
CA VAL A 214 -13.08 4.03 -15.18
C VAL A 214 -12.45 4.73 -16.39
N GLY A 215 -13.27 5.53 -17.07
CA GLY A 215 -12.79 6.25 -18.31
C GLY A 215 -12.56 7.72 -18.03
N ALA B 1 5.78 16.43 23.29
CA ALA B 1 7.04 16.13 22.67
C ALA B 1 7.95 17.38 22.62
N PRO B 2 9.24 17.17 22.40
CA PRO B 2 10.12 18.26 22.12
C PRO B 2 9.58 19.10 20.98
N ALA B 3 9.81 20.40 21.04
CA ALA B 3 9.33 21.30 20.02
C ALA B 3 10.10 21.14 18.72
N ALA B 4 11.38 20.76 18.80
CA ALA B 4 12.24 20.71 17.63
C ALA B 4 13.27 19.62 17.80
N VAL B 5 13.42 18.83 16.75
CA VAL B 5 14.43 17.70 16.67
C VAL B 5 15.08 17.77 15.30
N ASP B 6 16.42 17.75 15.21
CA ASP B 6 17.08 17.64 13.93
C ASP B 6 18.24 16.66 14.04
N TRP B 7 17.97 15.41 13.58
CA TRP B 7 18.98 14.36 13.74
C TRP B 7 20.21 14.64 12.91
N ARG B 8 20.10 15.48 11.88
CA ARG B 8 21.30 15.83 11.11
C ARG B 8 22.39 16.45 12.00
N ALA B 9 21.97 17.16 13.04
CA ALA B 9 22.88 17.85 13.93
C ALA B 9 23.46 16.92 15.02
N ARG B 10 23.11 15.64 14.98
CA ARG B 10 23.43 14.72 16.07
C ARG B 10 24.25 13.52 15.61
N GLY B 11 24.90 13.69 14.48
CA GLY B 11 25.86 12.75 13.85
C GLY B 11 25.21 11.50 13.30
N ALA B 12 23.91 11.54 13.10
CA ALA B 12 23.12 10.33 12.86
C ALA B 12 22.75 10.09 11.42
N VAL B 13 23.08 11.03 10.53
CA VAL B 13 22.57 10.95 9.16
C VAL B 13 23.74 11.02 8.18
N THR B 14 23.86 10.03 7.31
CA THR B 14 24.89 10.06 6.25
C THR B 14 24.59 11.11 5.20
N ALA B 15 25.58 11.34 4.36
CA ALA B 15 25.47 12.28 3.30
C ALA B 15 24.33 11.89 2.37
N VAL B 16 23.76 12.90 1.73
CA VAL B 16 22.74 12.68 0.70
C VAL B 16 23.31 11.94 -0.51
N LYS B 17 22.57 10.94 -0.92
CA LYS B 17 22.91 10.05 -2.03
C LYS B 17 22.14 10.38 -3.33
N ASP B 18 22.44 9.61 -4.36
CA ASP B 18 21.91 9.80 -5.71
C ASP B 18 21.48 8.46 -6.24
N GLN B 19 20.16 8.25 -6.31
CA GLN B 19 19.64 6.98 -6.82
C GLN B 19 19.80 6.86 -8.36
N GLY B 20 20.08 7.98 -9.01
CA GLY B 20 20.26 7.98 -10.47
C GLY B 20 18.95 7.64 -11.17
N GLN B 21 19.09 7.04 -12.35
CA GLN B 21 17.96 6.78 -13.25
C GLN B 21 17.44 5.36 -12.97
N CYS B 22 16.93 5.21 -11.76
CA CYS B 22 16.44 3.96 -11.20
C CYS B 22 15.39 4.28 -10.15
N GLY B 23 14.27 3.57 -10.20
CA GLY B 23 13.21 3.73 -9.17
C GLY B 23 13.50 3.00 -7.85
N SER B 24 14.73 3.18 -7.36
CA SER B 24 15.23 2.53 -6.15
C SER B 24 15.06 3.33 -4.89
N CYS B 25 14.22 4.36 -4.94
CA CYS B 25 13.96 5.23 -3.79
C CYS B 25 13.69 4.46 -2.52
N TRP B 26 12.90 3.41 -2.63
CA TRP B 26 12.51 2.55 -1.46
C TRP B 26 13.74 1.98 -0.75
N ALA B 27 14.78 1.66 -1.53
CA ALA B 27 16.00 1.14 -0.97
C ALA B 27 16.81 2.21 -0.26
N PHE B 28 16.85 3.44 -0.82
CA PHE B 28 17.48 4.54 -0.16
C PHE B 28 16.77 4.91 1.15
N SER B 29 15.46 4.89 1.12
CA SER B 29 14.66 5.12 2.32
C SER B 29 14.99 4.09 3.40
N ALA B 30 14.96 2.81 3.03
CA ALA B 30 15.16 1.78 4.00
C ALA B 30 16.60 1.79 4.54
N ILE B 31 17.57 1.87 3.64
CA ILE B 31 18.96 1.84 4.05
C ILE B 31 19.35 3.09 4.85
N GLY B 32 18.85 4.24 4.45
CA GLY B 32 19.09 5.48 5.21
C GLY B 32 18.57 5.30 6.62
N ASN B 33 17.38 4.71 6.76
CA ASN B 33 16.82 4.44 8.05
C ASN B 33 17.74 3.53 8.87
N VAL B 34 18.23 2.44 8.26
CA VAL B 34 19.10 1.51 8.95
C VAL B 34 20.42 2.20 9.33
N GLU B 35 20.97 3.03 8.45
CA GLU B 35 22.25 3.76 8.78
C GLU B 35 22.08 4.54 10.08
N CYS B 36 20.96 5.26 10.18
CA CYS B 36 20.72 6.11 11.33
C CYS B 36 20.45 5.27 12.58
N GLN B 37 19.66 4.20 12.45
CA GLN B 37 19.42 3.30 13.59
C GLN B 37 20.68 2.65 14.09
N TRP B 38 21.54 2.26 13.15
CA TRP B 38 22.80 1.65 13.48
C TRP B 38 23.67 2.59 14.32
N PHE B 39 23.83 3.82 13.85
CA PHE B 39 24.56 4.80 14.66
C PHE B 39 23.95 4.97 16.06
N LEU B 40 22.64 5.10 16.11
CA LEU B 40 21.94 5.40 17.34
C LEU B 40 21.96 4.26 18.34
N ALA B 41 22.32 3.06 17.88
CA ALA B 41 22.57 1.92 18.75
C ALA B 41 23.97 1.93 19.37
N GLY B 42 24.80 2.94 19.05
CA GLY B 42 26.15 3.08 19.62
C GLY B 42 27.29 2.60 18.74
N HIS B 43 27.19 2.83 17.43
CA HIS B 43 28.21 2.39 16.46
C HIS B 43 28.60 3.56 15.59
N PRO B 44 29.83 3.57 15.07
CA PRO B 44 30.22 4.70 14.19
C PRO B 44 29.31 4.77 12.98
N LEU B 45 28.96 5.99 12.57
CA LEU B 45 28.09 6.18 11.42
C LEU B 45 28.79 5.57 10.19
N THR B 46 28.04 4.73 9.48
CA THR B 46 28.54 3.91 8.40
C THR B 46 27.59 3.94 7.18
N ASN B 47 28.12 4.24 6.00
CA ASN B 47 27.34 4.15 4.78
C ASN B 47 27.07 2.67 4.45
N LEU B 48 25.81 2.37 4.20
CA LEU B 48 25.31 1.03 3.99
C LEU B 48 24.80 0.88 2.58
N ALA B 49 24.57 -0.36 2.11
CA ALA B 49 24.49 -0.63 0.66
C ALA B 49 23.08 -0.77 0.08
N GLU B 50 22.58 0.33 -0.54
CA GLU B 50 21.33 0.21 -1.30
C GLU B 50 21.41 -0.91 -2.33
N GLN B 51 22.58 -1.14 -2.93
CA GLN B 51 22.67 -2.17 -3.99
C GLN B 51 22.30 -3.56 -3.49
N MET B 52 22.53 -3.82 -2.21
CA MET B 52 22.21 -5.13 -1.65
C MET B 52 20.72 -5.36 -1.81
N LEU B 53 19.92 -4.35 -1.46
CA LEU B 53 18.46 -4.47 -1.64
C LEU B 53 18.04 -4.55 -3.10
N VAL B 54 18.56 -3.64 -3.90
CA VAL B 54 18.16 -3.55 -5.27
C VAL B 54 18.41 -4.86 -6.01
N SER B 55 19.61 -5.42 -5.81
CA SER B 55 20.00 -6.68 -6.48
C SER B 55 19.49 -7.94 -5.82
N CYS B 56 19.40 -7.95 -4.49
CA CYS B 56 19.16 -9.22 -3.77
C CYS B 56 17.80 -9.46 -3.18
N ASP B 57 17.10 -8.39 -2.89
CA ASP B 57 15.71 -8.43 -2.36
C ASP B 57 14.76 -8.71 -3.51
N LYS B 58 14.37 -9.99 -3.69
CA LYS B 58 13.58 -10.34 -4.87
C LYS B 58 12.10 -10.25 -4.61
N THR B 59 11.70 -9.86 -3.40
CA THR B 59 10.29 -9.60 -3.12
C THR B 59 9.91 -8.28 -3.77
N ASP B 60 10.80 -7.32 -3.57
CA ASP B 60 10.72 -6.01 -4.24
C ASP B 60 11.22 -6.08 -5.68
N SER B 61 11.07 -4.96 -6.41
CA SER B 61 11.25 -4.93 -7.84
C SER B 61 12.36 -4.01 -8.37
N GLY B 62 13.42 -3.87 -7.59
CA GLY B 62 14.62 -3.17 -8.03
C GLY B 62 14.32 -1.76 -8.51
N CYS B 63 14.74 -1.46 -9.74
CA CYS B 63 14.51 -0.09 -10.29
C CYS B 63 13.05 0.17 -10.64
N SER B 64 12.20 -0.87 -10.56
CA SER B 64 10.76 -0.72 -10.80
C SER B 64 9.91 -0.50 -9.55
N GLY B 65 10.55 -0.37 -8.38
CA GLY B 65 9.83 -0.02 -7.18
C GLY B 65 9.88 -1.11 -6.11
N GLY B 66 9.49 -0.69 -4.94
CA GLY B 66 9.48 -1.60 -3.77
C GLY B 66 8.94 -0.92 -2.54
N LEU B 67 8.88 -1.67 -1.45
CA LEU B 67 8.34 -1.18 -0.20
C LEU B 67 9.42 -1.31 0.89
N MET B 68 9.56 -0.24 1.64
CA MET B 68 10.56 -0.24 2.73
C MET B 68 10.29 -1.33 3.74
N ASN B 69 9.03 -1.61 4.05
CA ASN B 69 8.71 -2.69 4.99
C ASN B 69 9.08 -4.06 4.44
N ASN B 70 8.89 -4.26 3.14
CA ASN B 70 9.33 -5.51 2.51
C ASN B 70 10.83 -5.63 2.60
N ALA B 71 11.54 -4.51 2.42
CA ALA B 71 13.03 -4.49 2.51
C ALA B 71 13.49 -4.89 3.89
N PHE B 72 12.89 -4.29 4.91
CA PHE B 72 13.26 -4.65 6.29
C PHE B 72 12.97 -6.16 6.57
N GLU B 73 11.85 -6.66 6.06
CA GLU B 73 11.50 -8.06 6.23
C GLU B 73 12.54 -8.94 5.51
N TRP B 74 12.89 -8.57 4.27
CA TRP B 74 13.92 -9.31 3.51
C TRP B 74 15.24 -9.40 4.28
N ILE B 75 15.71 -8.28 4.81
CA ILE B 75 17.01 -8.25 5.52
C ILE B 75 16.99 -9.27 6.65
N VAL B 76 15.92 -9.24 7.43
CA VAL B 76 15.78 -10.09 8.63
C VAL B 76 15.52 -11.53 8.28
N GLN B 77 14.58 -11.79 7.36
CA GLN B 77 14.11 -13.17 7.14
C GLN B 77 14.96 -13.91 6.13
N GLU B 78 15.56 -13.18 5.21
CA GLU B 78 16.40 -13.78 4.16
C GLU B 78 17.88 -13.52 4.27
N ASN B 79 18.31 -12.45 4.92
CA ASN B 79 19.72 -12.12 4.96
C ASN B 79 20.36 -12.12 6.35
N ASN B 80 19.76 -12.89 7.26
CA ASN B 80 20.28 -13.01 8.64
C ASN B 80 20.45 -11.67 9.39
N GLY B 81 19.64 -10.69 9.00
CA GLY B 81 19.67 -9.37 9.58
C GLY B 81 20.75 -8.46 9.01
N ALA B 82 21.57 -8.99 8.10
CA ALA B 82 22.77 -8.29 7.68
C ALA B 82 22.52 -7.22 6.62
N VAL B 83 23.21 -6.10 6.78
CA VAL B 83 23.21 -5.01 5.81
C VAL B 83 24.68 -4.71 5.51
N TYR B 84 25.08 -4.85 4.26
CA TYR B 84 26.48 -4.70 3.88
C TYR B 84 26.88 -3.24 3.85
N THR B 85 28.19 -3.00 3.94
CA THR B 85 28.70 -1.63 3.86
C THR B 85 28.54 -1.21 2.38
N GLU B 86 28.28 0.08 2.13
CA GLU B 86 28.33 0.61 0.77
C GLU B 86 29.70 0.38 0.16
N ASP B 87 30.77 0.60 0.91
CA ASP B 87 32.10 0.39 0.36
C ASP B 87 32.27 -1.03 -0.23
N SER B 88 31.71 -2.03 0.42
CA SER B 88 31.88 -3.38 -0.01
C SER B 88 30.80 -3.84 -0.99
N TYR B 89 29.78 -3.01 -1.22
CA TYR B 89 28.70 -3.35 -2.14
C TYR B 89 28.24 -2.05 -2.81
N PRO B 90 29.06 -1.49 -3.72
CA PRO B 90 28.77 -0.11 -4.20
C PRO B 90 27.57 -0.06 -5.10
N TYR B 91 26.94 1.10 -5.17
CA TYR B 91 25.73 1.29 -5.97
C TYR B 91 26.04 1.30 -7.46
N ALA B 92 25.36 0.43 -8.19
CA ALA B 92 25.58 0.16 -9.61
C ALA B 92 24.35 0.49 -10.48
N SER B 93 23.18 0.62 -9.85
CA SER B 93 21.93 0.74 -10.60
C SER B 93 21.61 2.15 -11.08
N GLY B 94 22.48 3.13 -10.82
CA GLY B 94 22.26 4.50 -11.27
C GLY B 94 21.97 4.79 -12.74
N GLU B 95 22.13 3.84 -13.66
CA GLU B 95 21.62 4.00 -15.05
C GLU B 95 20.35 3.14 -15.31
N GLY B 96 19.87 2.46 -14.28
CA GLY B 96 18.63 1.72 -14.29
C GLY B 96 18.72 0.23 -14.53
N ILE B 97 19.96 -0.28 -14.53
CA ILE B 97 20.21 -1.73 -14.71
C ILE B 97 20.82 -2.24 -13.44
N SER B 98 20.35 -3.37 -12.99
CA SER B 98 20.81 -3.88 -11.72
C SER B 98 21.55 -5.18 -11.91
N PRO B 99 22.79 -5.25 -11.37
CA PRO B 99 23.45 -6.52 -11.55
C PRO B 99 22.86 -7.64 -10.71
N PRO B 100 23.08 -8.87 -11.15
CA PRO B 100 22.68 -9.99 -10.30
C PRO B 100 23.24 -9.87 -8.86
N CYS B 101 22.48 -10.37 -7.90
CA CYS B 101 22.91 -10.42 -6.52
C CYS B 101 24.26 -11.18 -6.42
N THR B 102 25.19 -10.64 -5.63
CA THR B 102 26.45 -11.27 -5.32
C THR B 102 26.42 -11.56 -3.84
N THR B 103 26.70 -12.81 -3.49
CA THR B 103 26.69 -13.24 -2.09
C THR B 103 28.09 -13.18 -1.45
N SER B 104 29.12 -13.05 -2.28
CA SER B 104 30.51 -13.03 -1.81
C SER B 104 31.12 -11.64 -1.84
N GLY B 105 32.12 -11.43 -1.00
CA GLY B 105 33.00 -10.28 -1.12
C GLY B 105 32.44 -9.02 -0.48
N HIS B 106 31.42 -9.19 0.35
CA HIS B 106 30.87 -8.06 1.08
C HIS B 106 31.23 -8.12 2.56
N THR B 107 31.10 -6.98 3.22
CA THR B 107 31.39 -6.84 4.62
C THR B 107 30.10 -6.38 5.28
N VAL B 108 29.71 -7.03 6.37
CA VAL B 108 28.53 -6.60 7.12
C VAL B 108 28.85 -5.32 7.84
N GLY B 109 28.08 -4.29 7.57
CA GLY B 109 28.18 -2.96 8.21
C GLY B 109 27.22 -2.73 9.38
N ALA B 110 26.07 -3.40 9.35
CA ALA B 110 24.99 -3.26 10.38
C ALA B 110 24.17 -4.53 10.42
N THR B 111 23.53 -4.77 11.55
CA THR B 111 22.59 -5.87 11.67
C THR B 111 21.30 -5.31 12.27
N ILE B 112 20.15 -5.69 11.71
CA ILE B 112 18.86 -5.37 12.33
C ILE B 112 18.14 -6.65 12.76
N THR B 113 17.26 -6.52 13.75
CA THR B 113 16.55 -7.67 14.29
C THR B 113 15.08 -7.69 13.86
N GLY B 114 14.61 -6.59 13.27
CA GLY B 114 13.20 -6.49 12.85
C GLY B 114 12.88 -5.06 12.46
N HIS B 115 11.58 -4.78 12.38
CA HIS B 115 11.13 -3.45 12.10
C HIS B 115 9.77 -3.20 12.75
N VAL B 116 9.49 -1.91 12.92
CA VAL B 116 8.23 -1.43 13.50
C VAL B 116 7.47 -0.64 12.47
N GLU B 117 6.14 -0.81 12.45
CA GLU B 117 5.27 -0.07 11.60
C GLU B 117 4.54 0.95 12.51
N LEU B 118 4.77 2.24 12.28
CA LEU B 118 4.23 3.28 13.11
C LEU B 118 2.80 3.70 12.78
N PRO B 119 2.10 4.28 13.77
CA PRO B 119 0.72 4.63 13.51
C PRO B 119 0.60 5.68 12.41
N GLN B 120 -0.60 5.77 11.84
CA GLN B 120 -0.87 6.76 10.81
C GLN B 120 -1.26 8.09 11.46
N ASP B 121 -0.30 8.73 12.11
CA ASP B 121 -0.57 9.87 13.00
C ASP B 121 0.73 10.67 13.14
N GLU B 122 0.71 11.92 12.70
CA GLU B 122 1.94 12.71 12.66
C GLU B 122 2.55 12.95 14.02
N ALA B 123 1.71 13.23 15.02
CA ALA B 123 2.20 13.46 16.39
C ALA B 123 2.89 12.24 17.00
N GLN B 124 2.36 11.04 16.73
CA GLN B 124 2.95 9.83 17.29
C GLN B 124 4.22 9.46 16.56
N ILE B 125 4.25 9.64 15.23
CA ILE B 125 5.48 9.51 14.44
C ILE B 125 6.57 10.46 14.95
N ALA B 126 6.19 11.73 15.19
CA ALA B 126 7.10 12.72 15.70
C ALA B 126 7.67 12.30 17.07
N ALA B 127 6.78 11.83 17.96
CA ALA B 127 7.21 11.44 19.29
C ALA B 127 8.12 10.23 19.22
N TRP B 128 7.83 9.29 18.36
CA TRP B 128 8.72 8.15 18.14
C TRP B 128 10.09 8.61 17.62
N LEU B 129 10.07 9.46 16.59
CA LEU B 129 11.34 9.97 16.04
C LEU B 129 12.18 10.76 17.06
N ALA B 130 11.51 11.50 17.95
CA ALA B 130 12.18 12.29 18.96
C ALA B 130 13.16 11.47 19.80
N VAL B 131 12.80 10.23 20.07
CA VAL B 131 13.58 9.39 20.96
C VAL B 131 14.29 8.24 20.23
N ASN B 132 13.78 7.81 19.07
CA ASN B 132 14.30 6.60 18.40
C ASN B 132 15.00 6.93 17.09
N GLY B 133 14.86 8.15 16.58
CA GLY B 133 15.58 8.51 15.39
C GLY B 133 14.78 8.59 14.11
N PRO B 134 15.48 8.79 13.00
CA PRO B 134 14.86 8.94 11.68
C PRO B 134 13.97 7.78 11.26
N VAL B 135 12.94 8.12 10.50
CA VAL B 135 11.82 7.21 10.17
C VAL B 135 11.63 7.12 8.67
N ALA B 136 11.59 5.91 8.12
CA ALA B 136 11.28 5.75 6.71
C ALA B 136 9.81 6.05 6.44
N VAL B 137 9.53 6.79 5.38
CA VAL B 137 8.17 7.09 5.03
C VAL B 137 7.94 7.05 3.53
N ALA B 138 6.72 6.65 3.17
CA ALA B 138 6.24 6.78 1.79
C ALA B 138 5.57 8.11 1.63
N VAL B 139 5.74 8.75 0.49
CA VAL B 139 5.09 10.01 0.21
C VAL B 139 4.60 10.05 -1.23
N ASP B 140 3.71 10.99 -1.50
CA ASP B 140 3.37 11.40 -2.87
C ASP B 140 4.38 12.48 -3.23
N ALA B 141 5.31 12.21 -4.15
CA ALA B 141 6.34 13.18 -4.50
C ALA B 141 6.12 13.76 -5.90
N SER B 142 4.92 13.56 -6.43
CA SER B 142 4.65 13.99 -7.80
C SER B 142 4.84 15.50 -7.97
N SER B 143 4.58 16.28 -6.93
CA SER B 143 4.71 17.75 -7.00
C SER B 143 6.05 18.27 -6.47
N TRP B 144 7.03 17.38 -6.35
CA TRP B 144 8.36 17.74 -5.86
C TRP B 144 9.34 18.11 -6.95
N MET B 145 8.82 18.25 -8.18
CA MET B 145 9.69 18.47 -9.31
C MET B 145 10.29 19.87 -9.32
N THR B 146 9.61 20.91 -8.83
CA THR B 146 10.21 22.25 -8.95
C THR B 146 10.85 22.72 -7.66
N TYR B 147 10.95 21.85 -6.66
CA TYR B 147 11.27 22.33 -5.33
C TYR B 147 12.72 22.74 -5.22
N THR B 148 12.94 23.98 -4.78
CA THR B 148 14.28 24.50 -4.49
C THR B 148 14.46 24.95 -3.04
N GLY B 149 13.37 24.94 -2.24
CA GLY B 149 13.50 25.32 -0.85
C GLY B 149 12.23 25.91 -0.29
N GLY B 150 12.25 26.10 1.01
CA GLY B 150 11.14 26.61 1.78
C GLY B 150 10.31 25.51 2.38
N VAL B 151 9.29 25.88 3.14
CA VAL B 151 8.34 24.91 3.64
C VAL B 151 7.19 24.66 2.67
N MET B 152 7.13 23.46 2.16
CA MET B 152 6.10 23.10 1.19
C MET B 152 4.76 22.96 1.86
N THR B 153 3.81 23.75 1.37
CA THR B 153 2.45 23.72 1.87
C THR B 153 1.48 23.31 0.77
N SER B 154 1.93 23.19 -0.48
CA SER B 154 1.02 22.84 -1.56
C SER B 154 1.12 21.38 -2.01
N CYS B 155 1.64 20.49 -1.16
CA CYS B 155 1.96 19.17 -1.66
C CYS B 155 0.73 18.37 -2.10
N VAL B 156 0.79 17.82 -3.30
CA VAL B 156 -0.29 16.94 -3.79
C VAL B 156 -0.23 15.65 -3.00
N SER B 157 -1.35 15.27 -2.38
CA SER B 157 -1.34 14.22 -1.37
C SER B 157 -2.35 13.11 -1.76
N GLU B 158 -1.99 12.35 -2.78
CA GLU B 158 -2.98 11.47 -3.44
C GLU B 158 -2.54 10.00 -3.55
N GLN B 159 -1.34 9.76 -4.08
CA GLN B 159 -0.92 8.42 -4.29
C GLN B 159 0.55 8.33 -3.92
N LEU B 160 0.89 7.37 -3.05
CA LEU B 160 2.25 7.15 -2.57
C LEU B 160 3.08 6.68 -3.75
N ASP B 161 4.18 7.38 -4.04
CA ASP B 161 5.01 7.02 -5.21
C ASP B 161 6.49 7.16 -4.95
N HIS B 162 6.85 7.48 -3.72
CA HIS B 162 8.24 7.74 -3.37
C HIS B 162 8.53 7.37 -1.93
N GLY B 163 9.77 7.02 -1.67
CA GLY B 163 10.21 6.65 -0.32
C GLY B 163 11.35 7.55 0.09
N VAL B 164 11.20 8.13 1.28
CA VAL B 164 12.16 9.12 1.80
C VAL B 164 12.40 8.89 3.30
N LEU B 165 13.07 9.82 3.97
CA LEU B 165 13.47 9.62 5.38
C LEU B 165 13.22 10.88 6.19
N LEU B 166 12.33 10.78 7.19
CA LEU B 166 12.11 11.84 8.11
C LEU B 166 13.31 11.91 9.00
N VAL B 167 13.97 13.08 9.06
CA VAL B 167 15.10 13.25 9.97
C VAL B 167 14.89 14.26 11.09
N GLY B 168 13.73 14.87 11.15
CA GLY B 168 13.50 15.87 12.17
C GLY B 168 12.23 16.59 11.92
N TYR B 169 11.90 17.50 12.81
CA TYR B 169 10.70 18.34 12.66
C TYR B 169 10.86 19.57 13.57
N ASN B 170 10.03 20.54 13.33
CA ASN B 170 9.95 21.74 14.16
C ASN B 170 8.48 22.10 14.30
N ASP B 171 7.99 21.96 15.52
CA ASP B 171 6.61 22.29 15.84
C ASP B 171 6.42 23.73 16.30
N GLY B 172 7.52 24.37 16.61
CA GLY B 172 7.52 25.72 17.10
C GLY B 172 7.40 26.78 16.02
N ALA B 173 7.74 26.40 14.77
CA ALA B 173 7.79 27.36 13.65
C ALA B 173 6.37 27.86 13.38
N ALA B 174 6.27 29.07 12.82
CA ALA B 174 5.01 29.61 12.42
C ALA B 174 4.21 28.62 11.56
N VAL B 175 4.89 27.96 10.64
CA VAL B 175 4.34 26.84 9.90
C VAL B 175 5.17 25.62 10.31
N PRO B 176 4.62 24.79 11.19
CA PRO B 176 5.39 23.60 11.59
C PRO B 176 5.78 22.75 10.40
N TYR B 177 6.96 22.11 10.47
CA TYR B 177 7.42 21.29 9.37
C TYR B 177 8.16 20.03 9.77
N TRP B 178 8.16 19.09 8.85
CA TRP B 178 9.07 17.96 8.83
C TRP B 178 10.33 18.30 8.03
N ILE B 179 11.45 17.70 8.41
CA ILE B 179 12.70 17.75 7.69
C ILE B 179 12.93 16.36 7.09
N ILE B 180 13.08 16.33 5.78
CA ILE B 180 13.12 15.03 5.03
C ILE B 180 14.38 14.94 4.18
N LYS B 181 15.08 13.81 4.28
CA LYS B 181 16.20 13.51 3.44
C LYS B 181 15.70 12.82 2.15
N ASN B 182 16.12 13.34 1.00
CA ASN B 182 15.78 12.74 -0.29
C ASN B 182 17.07 12.08 -0.83
N SER B 183 16.93 11.41 -1.95
CA SER B 183 18.01 10.68 -2.61
C SER B 183 18.22 11.11 -4.08
N TRP B 184 18.12 12.42 -4.28
CA TRP B 184 18.21 13.07 -5.60
C TRP B 184 19.36 14.07 -5.70
N THR B 185 20.45 13.74 -5.01
CA THR B 185 21.67 14.58 -4.87
C THR B 185 21.46 15.84 -4.02
N THR B 186 22.56 16.47 -3.66
CA THR B 186 22.48 17.76 -2.92
C THR B 186 22.14 18.95 -3.79
N GLN B 187 22.16 18.78 -5.12
CA GLN B 187 21.73 19.84 -6.06
C GLN B 187 20.22 20.10 -6.03
N TRP B 188 19.46 19.14 -5.50
CA TRP B 188 18.01 19.23 -5.40
C TRP B 188 17.63 19.76 -4.01
N GLY B 189 16.64 20.61 -3.97
CA GLY B 189 16.15 21.08 -2.68
C GLY B 189 17.09 21.88 -1.83
N GLU B 190 16.98 21.69 -0.51
CA GLU B 190 17.82 22.35 0.45
C GLU B 190 19.04 21.43 0.74
N GLU B 191 20.05 21.51 -0.13
CA GLU B 191 21.21 20.61 -0.04
C GLU B 191 20.76 19.16 0.04
N GLY B 192 19.73 18.82 -0.74
CA GLY B 192 19.23 17.44 -0.82
C GLY B 192 18.06 17.12 0.08
N TYR B 193 17.68 18.07 0.93
CA TYR B 193 16.57 17.95 1.85
C TYR B 193 15.37 18.77 1.43
N ILE B 194 14.23 18.40 2.01
CA ILE B 194 12.98 19.14 1.82
C ILE B 194 12.29 19.31 3.15
N ARG B 195 11.71 20.47 3.34
CA ARG B 195 10.80 20.72 4.42
C ARG B 195 9.35 20.75 3.93
N ILE B 196 8.50 19.91 4.53
CA ILE B 196 7.07 19.96 4.20
C ILE B 196 6.28 20.31 5.46
N ALA B 197 5.14 20.97 5.30
CA ALA B 197 4.37 21.35 6.47
C ALA B 197 3.95 20.11 7.24
N LYS B 198 3.91 20.26 8.55
CA LYS B 198 3.58 19.18 9.47
C LYS B 198 2.22 19.42 10.10
N GLY B 199 1.42 18.38 10.15
CA GLY B 199 0.09 18.44 10.80
C GLY B 199 -1.10 18.40 9.84
N SER B 200 -0.84 18.42 8.55
CA SER B 200 -1.91 18.35 7.59
C SER B 200 -1.80 17.13 6.62
N ASN B 201 -0.99 16.14 6.99
CA ASN B 201 -0.76 14.97 6.16
C ASN B 201 -0.30 15.33 4.74
N GLN B 202 0.60 16.34 4.68
CA GLN B 202 1.20 16.80 3.44
C GLN B 202 1.91 15.63 2.81
N CYS B 203 1.70 15.44 1.50
CA CYS B 203 2.31 14.36 0.73
C CYS B 203 1.93 12.97 1.24
N LEU B 204 0.87 12.85 2.03
CA LEU B 204 0.51 11.55 2.63
C LEU B 204 1.61 10.94 3.54
N VAL B 205 2.41 11.83 4.13
CA VAL B 205 3.55 11.48 4.93
C VAL B 205 3.23 10.58 6.13
N LYS B 206 2.01 10.63 6.64
CA LYS B 206 1.68 9.77 7.80
C LYS B 206 1.30 8.32 7.48
N GLU B 207 1.07 8.01 6.20
CA GLU B 207 0.36 6.78 5.81
C GLU B 207 1.16 5.50 5.98
N GLU B 208 2.47 5.56 5.77
CA GLU B 208 3.32 4.36 5.73
C GLU B 208 4.70 4.69 6.34
N ALA B 209 4.68 4.93 7.65
CA ALA B 209 5.88 5.25 8.39
C ALA B 209 6.39 4.00 9.09
N SER B 210 7.68 3.74 9.05
CA SER B 210 8.27 2.55 9.65
C SER B 210 9.72 2.74 9.96
N SER B 211 10.29 1.86 10.76
CA SER B 211 11.71 1.91 11.06
C SER B 211 12.23 0.53 11.34
N ALA B 212 13.46 0.26 10.88
CA ALA B 212 14.21 -0.89 11.41
C ALA B 212 14.48 -0.77 12.89
N VAL B 213 14.73 -1.94 13.49
CA VAL B 213 15.11 -2.08 14.88
C VAL B 213 16.50 -2.73 14.93
N VAL B 214 17.40 -2.12 15.69
CA VAL B 214 18.76 -2.68 15.90
C VAL B 214 18.79 -3.16 17.39
O38 25B C . -20.71 -13.07 3.07
S29 25B C . -21.63 -14.01 2.64
O37 25B C . -23.01 -13.84 3.03
C29 25B C . -21.13 -15.46 3.25
C30 25B C . -21.67 -16.02 4.41
C31 25B C . -21.20 -17.25 4.92
C32 25B C . -20.16 -17.96 4.30
C33 25B C . -19.63 -17.41 3.17
C34 25B C . -20.07 -16.17 2.69
C37 25B C . -21.48 -14.13 0.94
C10 25B C . -22.33 -13.14 0.16
C11 25B C . -23.50 -13.75 -0.64
C20 25B C . -24.40 -14.70 0.19
C21 25B C . -25.67 -14.99 -0.59
C23 25B C . -26.67 -15.97 0.08
C24 25B C . -26.88 -15.62 1.51
N12 25B C . -22.86 -14.43 -1.79
C13 25B C . -23.01 -14.11 -3.09
O39 25B C . -23.83 -13.17 -3.47
C14 25B C . -22.21 -14.87 -4.16
C15 25B C . -21.04 -13.97 -4.58
C16 25B C . -20.18 -14.62 -5.67
C17 25B C . -21.01 -15.16 -6.81
C18 25B C . -22.18 -16.01 -6.35
C19 25B C . -23.09 -15.24 -5.32
C39 25B C . -24.25 -16.05 -4.88
O41 25B C . -24.09 -16.99 -4.04
C40 25B C . -25.62 -15.71 -5.39
C41 25B C . -25.82 -14.89 -6.52
C45 25B C . -26.69 -16.24 -4.73
C44 25B C . -27.97 -15.97 -5.20
C43 25B C . -28.14 -15.19 -6.30
CL22 25B C . -29.83 -14.85 -6.77
C42 25B C . -27.10 -14.63 -6.99
C1 EDO D . -34.19 -4.61 -1.55
O1 EDO D . -33.56 -3.38 -1.19
C2 EDO D . -33.25 -5.42 -2.41
O2 EDO D . -33.03 -4.81 -3.71
C1 EOH E . -19.77 -9.46 10.01
C2 EOH E . -20.49 -8.41 10.87
O EOH E . -20.35 -9.77 8.73
C1 PEG F . -25.40 -13.89 5.61
O1 PEG F . -25.94 -15.22 5.53
C2 PEG F . -24.44 -13.71 6.77
O2 PEG F . -23.22 -13.04 6.42
C3 PEG F . -22.26 -13.15 7.48
C4 PEG F . -20.82 -13.08 7.02
O4 PEG F . -20.14 -14.29 7.35
S SO4 G . -36.99 8.39 -3.34
O1 SO4 G . -37.97 9.04 -4.24
O2 SO4 G . -36.71 7.10 -3.99
O3 SO4 G . -35.77 9.20 -3.23
O4 SO4 G . -37.38 8.27 -1.94
O38 25B H . 12.34 8.51 -7.02
S29 25B H . 11.27 7.92 -7.68
O37 25B H . 11.79 7.13 -8.72
C29 25B H . 10.27 9.09 -8.25
C30 25B H . 10.07 9.26 -9.62
C31 25B H . 9.23 10.26 -10.12
C32 25B H . 8.55 11.12 -9.26
C33 25B H . 8.74 10.96 -7.89
C34 25B H . 9.60 9.94 -7.43
C37 25B H . 10.42 6.98 -6.56
C10 25B H . 10.96 5.55 -6.30
C11 25B H . 10.05 4.40 -6.83
C20 25B H . 9.58 4.61 -8.28
C21 25B H . 8.93 3.30 -8.73
C23 25B H . 8.42 3.40 -10.18
C24 25B H . 9.55 3.67 -11.13
N12 25B H . 8.87 4.41 -5.94
C13 25B H . 8.53 3.42 -5.11
O39 25B H . 9.22 2.31 -5.08
C14 25B H . 7.37 3.59 -4.17
C15 25B H . 7.86 3.91 -2.72
C16 25B H . 6.67 4.17 -1.75
C17 25B H . 5.72 2.99 -1.78
C18 25B H . 5.30 2.65 -3.20
C19 25B H . 6.46 2.38 -4.18
C39 25B H . 5.95 2.09 -5.54
O41 25B H . 5.65 2.97 -6.36
C40 25B H . 5.89 0.67 -6.04
C41 25B H . 6.15 -0.38 -5.19
C45 25B H . 5.75 0.46 -7.42
C44 25B H . 5.78 -0.85 -7.92
C43 25B H . 5.98 -1.86 -7.05
CL22 25B H . 6.02 -3.54 -7.74
C42 25B H . 6.18 -1.69 -5.71
C1 EDO I . 17.72 12.22 -9.96
O1 EDO I . 17.38 10.83 -9.91
C2 EDO I . 19.03 12.43 -9.21
O2 EDO I . 20.16 12.04 -10.00
C1 PEG J . 12.98 12.73 -9.88
O1 PEG J . 13.66 13.65 -10.76
C2 PEG J . 13.75 11.44 -9.68
O2 PEG J . 13.54 10.59 -10.79
C3 PEG J . 14.13 9.30 -10.68
C4 PEG J . 14.07 8.66 -12.06
O4 PEG J . 13.39 7.41 -11.98
#